data_6FLD
#
_entry.id   6FLD
#
_cell.length_a   114.010
_cell.length_b   114.010
_cell.length_c   136.980
_cell.angle_alpha   90.00
_cell.angle_beta   90.00
_cell.angle_gamma   120.00
#
_symmetry.space_group_name_H-M   'P 31 2 1'
#
loop_
_entity.id
_entity.type
_entity.pdbx_description
1 polymer Acetylcholinesterase
2 non-polymer 2-acetamido-2-deoxy-beta-D-glucopyranose
3 non-polymer 2-[(~{E})-hydroxyiminomethyl]-6-[4-(1,2,3,4-tetrahydroacridin-9-ylamino)butyl]pyridin-3-ol
4 non-polymer 2-(2-{2-[2-(2-METHOXY-ETHOXY)-ETHOXY]-ETHOXY}-ETHOXY)-ETHANOL
5 non-polymer 'CHLORIDE ION'
6 non-polymer 1,2-ETHANEDIOL
7 water water
#
_entity_poly.entity_id   1
_entity_poly.type   'polypeptide(L)'
_entity_poly.pdbx_seq_one_letter_code
;SELLVNTKSGKVMGTRVPVLSSHISAFLGIPFAEPPVGNMRFRRPEPKKPWSGVWNASTYPNNCQQYVDEQFPGFSGSEM
WNPNREMSEDCLYLNIWVPSPRPKSTTVMVWIYGGGFYSGSSTLDVYNGKYLAYTEEVVLVSLSYRVGAFGFLALHGSQE
APGNVGLLDQRMALQWVHDNIQFFGGDPKTVTIFGE(BXT)AGGASVGMHILSPGSRDLFRRAILQSGSPNCPWASVSVA
EGRRRAVELGRNLNCNLNSDEELIHCLREKKPQELIDVEWNVLPFDSIFRFSFVPVIDGEFFPTSLESMLNSGNFKKTQI
LLGVNKDEGSFFLLYGAPGFSKDSESKISREDFMSGVKLSVPHANDLGLDAVTLQYTDWMDDNNGIKNRDGLDDIVGDHN
VICPLMHFVNKYTKFGNGTYLYFFNHRASNLVWPEWMGVIHGYEIEFVFGLPLVKELNYTAEEEALSRRIMHYWATFAKT
GNPNEPHSQESKWPLFTTKEQKFIDLNTEPMKVHQRLRVQMCVFWNQFLPKLLNAT
;
_entity_poly.pdbx_strand_id   A
#
loop_
_chem_comp.id
_chem_comp.type
_chem_comp.name
_chem_comp.formula
1PG non-polymer 2-(2-{2-[2-(2-METHOXY-ETHOXY)-ETHOXY]-ETHOXY}-ETHOXY)-ETHANOL 'C11 H24 O6'
CL non-polymer 'CHLORIDE ION' 'Cl -1'
DQ5 non-polymer 2-[(~{E})-hydroxyiminomethyl]-6-[4-(1,2,3,4-tetrahydroacridin-9-ylamino)butyl]pyridin-3-ol 'C23 H26 N4 O2'
EDO non-polymer 1,2-ETHANEDIOL 'C2 H6 O2'
NAG D-saccharide, beta linking 2-acetamido-2-deoxy-beta-D-glucopyranose 'C8 H15 N O6'
#
# COMPACT_ATOMS: atom_id res chain seq x y z
N SER A 1 3.08 35.75 6.97
CA SER A 1 2.79 35.07 5.71
C SER A 1 2.42 33.60 5.91
N GLU A 2 1.38 33.15 5.20
CA GLU A 2 0.87 31.79 5.36
C GLU A 2 1.76 30.72 4.73
N LEU A 3 2.82 31.08 4.02
CA LEU A 3 3.76 30.09 3.51
C LEU A 3 4.98 29.90 4.41
N LEU A 4 5.05 30.60 5.53
CA LEU A 4 6.09 30.40 6.52
C LEU A 4 5.50 29.75 7.77
N VAL A 5 6.22 28.77 8.32
CA VAL A 5 5.76 27.99 9.46
C VAL A 5 6.97 27.65 10.32
N ASN A 6 6.89 27.93 11.62
CA ASN A 6 7.88 27.44 12.58
C ASN A 6 7.43 26.07 13.06
N THR A 7 8.36 25.13 13.10
CA THR A 7 8.09 23.80 13.60
C THR A 7 9.12 23.48 14.67
N LYS A 8 8.87 22.41 15.42
CA LYS A 8 9.77 22.05 16.50
C LYS A 8 11.20 21.79 16.02
N SER A 9 11.47 21.81 14.71
CA SER A 9 12.82 21.62 14.22
C SER A 9 13.35 22.76 13.35
N GLY A 10 12.51 23.72 12.98
CA GLY A 10 12.97 24.87 12.24
C GLY A 10 11.86 25.50 11.44
N LYS A 11 12.16 26.67 10.88
CA LYS A 11 11.22 27.33 9.98
C LYS A 11 11.25 26.63 8.63
N VAL A 12 10.08 26.55 7.99
CA VAL A 12 9.95 26.04 6.63
C VAL A 12 9.21 27.06 5.80
N MET A 13 9.64 27.24 4.55
CA MET A 13 9.00 28.13 3.59
C MET A 13 8.41 27.27 2.48
N GLY A 14 7.10 27.22 2.40
CA GLY A 14 6.41 26.48 1.36
C GLY A 14 6.21 27.34 0.13
N THR A 15 5.38 26.83 -0.78
CA THR A 15 5.09 27.49 -2.03
C THR A 15 3.58 27.53 -2.26
N ARG A 16 3.12 28.56 -2.97
CA ARG A 16 1.73 28.68 -3.38
C ARG A 16 1.52 27.94 -4.70
N VAL A 17 0.55 27.04 -4.73
CA VAL A 17 0.34 26.22 -5.93
C VAL A 17 -1.09 26.42 -6.40
N PRO A 18 -1.35 26.34 -7.70
CA PRO A 18 -2.72 26.48 -8.20
C PRO A 18 -3.42 25.15 -8.26
N VAL A 19 -4.75 25.19 -8.16
CA VAL A 19 -5.54 23.97 -8.16
C VAL A 19 -6.99 24.29 -8.51
N LEU A 20 -7.45 23.84 -9.67
CA LEU A 20 -8.85 23.96 -10.06
C LEU A 20 -9.35 25.40 -9.93
N SER A 21 -8.65 26.32 -10.59
CA SER A 21 -9.01 27.74 -10.62
C SER A 21 -9.04 28.35 -9.21
N SER A 22 -8.11 27.93 -8.38
CA SER A 22 -7.88 28.56 -7.08
C SER A 22 -6.43 28.30 -6.70
N HIS A 23 -6.12 28.41 -5.40
CA HIS A 23 -4.75 28.15 -4.95
C HIS A 23 -4.78 27.65 -3.52
N ILE A 24 -3.79 26.82 -3.18
CA ILE A 24 -3.55 26.36 -1.83
C ILE A 24 -2.05 26.43 -1.56
N SER A 25 -1.66 26.10 -0.33
CA SER A 25 -0.27 26.11 0.09
C SER A 25 0.27 24.69 0.07
N ALA A 26 1.53 24.55 -0.34
CA ALA A 26 2.18 23.25 -0.39
C ALA A 26 3.55 23.35 0.27
N PHE A 27 3.87 22.36 1.09
CA PHE A 27 5.17 22.30 1.77
C PHE A 27 5.81 20.98 1.35
N LEU A 28 6.71 21.05 0.37
CA LEU A 28 7.25 19.86 -0.26
C LEU A 28 8.65 19.57 0.25
N GLY A 29 8.88 18.33 0.65
CA GLY A 29 10.21 17.89 1.03
C GLY A 29 10.67 18.36 2.40
N ILE A 30 9.82 18.27 3.41
CA ILE A 30 10.24 18.56 4.78
C ILE A 30 10.96 17.33 5.34
N PRO A 31 12.18 17.48 5.86
CA PRO A 31 12.85 16.32 6.45
C PRO A 31 12.22 15.94 7.78
N PHE A 32 12.02 14.64 8.00
CA PHE A 32 11.55 14.16 9.29
C PHE A 32 12.52 13.22 9.98
N ALA A 33 13.67 12.95 9.37
CA ALA A 33 14.68 12.09 9.97
C ALA A 33 16.05 12.57 9.51
N GLU A 34 17.08 12.13 10.22
CA GLU A 34 18.42 12.26 9.68
C GLU A 34 18.55 11.36 8.44
N PRO A 35 19.24 11.81 7.39
CA PRO A 35 19.43 10.97 6.20
C PRO A 35 20.05 9.63 6.57
N PRO A 36 19.37 8.51 6.25
CA PRO A 36 19.86 7.18 6.68
C PRO A 36 20.98 6.66 5.79
N VAL A 37 22.13 7.34 5.84
CA VAL A 37 23.22 7.07 4.91
C VAL A 37 24.45 6.61 5.67
N GLY A 38 25.42 6.07 4.92
CA GLY A 38 26.70 5.69 5.50
C GLY A 38 26.55 4.50 6.42
N ASN A 39 27.04 4.64 7.66
CA ASN A 39 26.84 3.54 8.59
C ASN A 39 25.44 3.58 9.20
N MET A 40 24.59 4.51 8.77
CA MET A 40 23.18 4.48 9.12
C MET A 40 22.33 3.64 8.16
N ARG A 41 22.90 3.09 7.11
CA ARG A 41 22.12 2.27 6.24
C ARG A 41 21.71 1.08 7.01
N PHE A 42 20.44 0.77 6.97
CA PHE A 42 19.87 -0.38 7.61
C PHE A 42 19.40 -0.13 9.01
N ARG A 43 19.88 0.94 9.60
CA ARG A 43 19.56 1.32 10.96
C ARG A 43 18.17 1.90 11.13
N ARG A 44 17.71 1.93 12.35
CA ARG A 44 16.45 2.54 12.66
C ARG A 44 16.65 4.01 12.42
N PRO A 45 15.63 4.72 12.01
CA PRO A 45 15.79 6.15 11.76
C PRO A 45 15.98 6.94 13.06
N GLU A 46 16.76 7.99 12.96
CA GLU A 46 16.95 9.03 13.96
C GLU A 46 16.19 10.28 13.55
N PRO A 47 15.66 11.04 14.51
CA PRO A 47 14.94 12.26 14.14
C PRO A 47 15.86 13.30 13.51
N LYS A 48 15.26 14.14 12.66
CA LYS A 48 16.00 15.21 12.02
C LYS A 48 16.52 16.20 13.05
N LYS A 49 17.83 16.40 13.09
CA LYS A 49 18.39 17.44 13.95
C LYS A 49 17.80 18.79 13.55
N PRO A 50 17.55 19.67 14.52
CA PRO A 50 17.02 21.00 14.18
C PRO A 50 17.99 21.79 13.33
N TRP A 51 17.44 22.62 12.46
CA TRP A 51 18.21 23.44 11.54
C TRP A 51 17.93 24.91 11.82
N SER A 52 18.94 25.74 11.58
CA SER A 52 18.75 27.17 11.59
C SER A 52 18.38 27.65 10.19
N GLY A 53 17.91 28.88 10.10
CA GLY A 53 17.47 29.38 8.82
C GLY A 53 16.11 28.82 8.46
N VAL A 54 15.73 29.08 7.21
CA VAL A 54 14.45 28.64 6.67
C VAL A 54 14.70 27.50 5.70
N TRP A 55 13.92 26.43 5.83
CA TRP A 55 14.02 25.31 4.91
C TRP A 55 13.20 25.62 3.66
N ASN A 56 13.86 25.58 2.49
CA ASN A 56 13.19 25.76 1.21
C ASN A 56 12.32 24.52 0.98
N ALA A 57 11.01 24.66 1.22
CA ALA A 57 10.10 23.56 1.00
C ALA A 57 9.20 23.84 -0.20
N SER A 58 9.79 24.28 -1.31
CA SER A 58 9.01 24.65 -2.48
C SER A 58 9.02 23.57 -3.57
N THR A 59 9.90 22.58 -3.49
CA THR A 59 10.03 21.57 -4.53
C THR A 59 10.08 20.17 -3.92
N TYR A 60 9.49 19.21 -4.64
CA TYR A 60 9.50 17.80 -4.32
C TYR A 60 10.91 17.29 -3.93
N PRO A 61 11.03 16.35 -2.96
CA PRO A 61 12.34 15.78 -2.64
C PRO A 61 12.73 14.59 -3.50
N ASN A 62 13.92 14.06 -3.25
CA ASN A 62 14.38 12.80 -3.85
C ASN A 62 13.47 11.63 -3.47
N ASN A 63 13.37 10.66 -4.37
CA ASN A 63 12.75 9.38 -4.05
C ASN A 63 13.80 8.44 -3.47
N CYS A 64 13.34 7.44 -2.73
CA CYS A 64 14.27 6.47 -2.16
C CYS A 64 14.84 5.56 -3.26
N GLN A 65 15.99 4.97 -2.96
CA GLN A 65 16.67 4.09 -3.89
C GLN A 65 15.85 2.82 -4.09
N GLN A 66 15.44 2.55 -5.33
CA GLN A 66 14.55 1.43 -5.59
C GLN A 66 14.81 0.83 -6.96
N TYR A 67 14.32 -0.39 -7.12
CA TYR A 67 14.13 -1.00 -8.43
C TYR A 67 13.26 -0.08 -9.30
N VAL A 68 13.61 0.04 -10.57
CA VAL A 68 12.82 0.78 -11.55
C VAL A 68 12.33 -0.17 -12.63
N ASP A 69 11.01 -0.18 -12.85
CA ASP A 69 10.37 -1.01 -13.85
C ASP A 69 10.69 -0.49 -15.26
N GLU A 70 11.36 -1.33 -16.06
CA GLU A 70 11.68 -1.04 -17.46
C GLU A 70 11.06 -2.06 -18.42
N GLN A 71 10.05 -2.81 -17.98
CA GLN A 71 9.42 -3.79 -18.87
C GLN A 71 8.84 -3.15 -20.12
N PHE A 72 8.29 -1.95 -19.99
CA PHE A 72 7.57 -1.28 -21.07
C PHE A 72 8.08 0.14 -21.22
N PRO A 73 9.29 0.32 -21.75
CA PRO A 73 9.91 1.66 -21.73
C PRO A 73 9.11 2.69 -22.51
N GLY A 74 8.94 3.87 -21.89
CA GLY A 74 8.11 4.91 -22.46
C GLY A 74 6.60 4.70 -22.32
N PHE A 75 6.15 3.53 -21.88
CA PHE A 75 4.72 3.29 -21.70
C PHE A 75 4.24 4.01 -20.43
N SER A 76 3.17 4.79 -20.55
CA SER A 76 2.71 5.59 -19.41
C SER A 76 2.11 4.74 -18.31
N GLY A 77 1.45 3.62 -18.66
CA GLY A 77 0.85 2.77 -17.66
C GLY A 77 1.84 2.27 -16.63
N SER A 78 3.07 2.01 -17.03
CA SER A 78 4.08 1.52 -16.11
C SER A 78 4.92 2.65 -15.53
N GLU A 79 5.24 3.66 -16.34
CA GLU A 79 6.20 4.66 -15.88
C GLU A 79 5.57 5.67 -14.94
N MET A 80 4.25 5.81 -14.93
CA MET A 80 3.59 6.66 -13.95
C MET A 80 3.81 6.17 -12.51
N TRP A 81 4.33 4.95 -12.33
CA TRP A 81 4.62 4.41 -11.02
C TRP A 81 6.09 4.50 -10.62
N ASN A 82 6.98 4.82 -11.56
CA ASN A 82 8.41 4.88 -11.33
C ASN A 82 8.81 6.18 -10.64
N PRO A 83 10.00 6.24 -10.04
CA PRO A 83 10.49 7.49 -9.44
C PRO A 83 10.59 8.60 -10.48
N ASN A 84 9.92 9.72 -10.20
CA ASN A 84 9.98 10.89 -11.07
C ASN A 84 10.93 11.98 -10.54
N ARG A 85 11.74 11.67 -9.53
CA ARG A 85 12.77 12.56 -9.04
CA ARG A 85 12.76 12.54 -9.00
C ARG A 85 14.07 11.75 -8.93
N GLU A 86 15.16 12.43 -8.62
CA GLU A 86 16.42 11.72 -8.45
C GLU A 86 16.31 10.75 -7.28
N MET A 87 16.84 9.55 -7.46
CA MET A 87 16.88 8.59 -6.37
C MET A 87 18.08 8.85 -5.49
N SER A 88 17.94 8.52 -4.22
CA SER A 88 18.98 8.82 -3.24
C SER A 88 18.65 8.06 -1.96
N GLU A 89 19.69 7.72 -1.20
CA GLU A 89 19.44 7.18 0.13
C GLU A 89 18.98 8.26 1.11
N ASP A 90 19.28 9.52 0.81
CA ASP A 90 18.76 10.65 1.56
C ASP A 90 17.37 10.95 1.01
N CYS A 91 16.36 10.27 1.56
CA CYS A 91 15.01 10.36 1.02
C CYS A 91 13.88 10.50 2.05
N LEU A 92 14.19 10.62 3.35
CA LEU A 92 13.16 10.62 4.40
C LEU A 92 12.59 12.03 4.55
N TYR A 93 11.54 12.31 3.77
CA TYR A 93 10.90 13.61 3.70
C TYR A 93 9.40 13.39 3.58
N LEU A 94 8.63 14.43 3.89
CA LEU A 94 7.18 14.39 3.77
C LEU A 94 6.70 15.66 3.08
N ASN A 95 5.47 15.61 2.55
CA ASN A 95 4.87 16.72 1.83
C ASN A 95 3.52 17.02 2.43
N ILE A 96 3.13 18.30 2.40
CA ILE A 96 1.90 18.76 3.02
C ILE A 96 1.21 19.76 2.11
N TRP A 97 -0.06 19.54 1.84
CA TRP A 97 -0.91 20.52 1.17
C TRP A 97 -1.89 21.08 2.19
N VAL A 98 -1.89 22.40 2.35
CA VAL A 98 -2.69 23.07 3.35
C VAL A 98 -3.71 23.99 2.68
N PRO A 99 -5.02 23.81 2.92
CA PRO A 99 -6.02 24.72 2.36
C PRO A 99 -5.72 26.20 2.58
N SER A 100 -6.25 27.06 1.73
CA SER A 100 -6.01 28.49 1.83
C SER A 100 -7.34 29.22 2.00
N PRO A 101 -7.48 30.08 3.02
CA PRO A 101 -6.41 30.39 3.98
C PRO A 101 -6.18 29.28 4.99
N ARG A 102 -5.03 29.32 5.66
CA ARG A 102 -4.63 28.28 6.59
C ARG A 102 -5.73 28.04 7.62
N PRO A 103 -6.28 26.82 7.69
CA PRO A 103 -7.30 26.55 8.71
C PRO A 103 -6.71 26.66 10.10
N LYS A 104 -7.60 26.74 11.09
CA LYS A 104 -7.11 26.73 12.46
C LYS A 104 -6.85 25.30 12.95
N SER A 105 -7.78 24.38 12.67
CA SER A 105 -7.68 23.02 13.18
C SER A 105 -8.58 22.10 12.37
N THR A 106 -8.05 21.45 11.34
CA THR A 106 -8.87 20.62 10.49
C THR A 106 -8.26 19.24 10.33
N THR A 107 -9.10 18.31 9.90
CA THR A 107 -8.73 16.91 9.74
C THR A 107 -7.46 16.75 8.89
N VAL A 108 -6.60 15.81 9.30
CA VAL A 108 -5.36 15.49 8.61
C VAL A 108 -5.47 14.08 8.02
N MET A 109 -4.95 13.92 6.81
CA MET A 109 -4.85 12.61 6.16
C MET A 109 -3.41 12.38 5.73
N VAL A 110 -2.84 11.23 6.11
CA VAL A 110 -1.45 10.90 5.83
C VAL A 110 -1.41 9.72 4.86
N TRP A 111 -0.91 9.97 3.65
CA TRP A 111 -0.81 8.94 2.61
C TRP A 111 0.46 8.12 2.76
N ILE A 112 0.32 6.79 2.72
CA ILE A 112 1.43 5.84 2.71
C ILE A 112 1.42 5.11 1.37
N TYR A 113 2.44 5.30 0.52
CA TYR A 113 2.40 4.69 -0.81
C TYR A 113 2.68 3.19 -0.78
N GLY A 114 2.15 2.50 -1.79
CA GLY A 114 2.43 1.09 -2.01
C GLY A 114 3.59 0.86 -2.94
N GLY A 115 3.70 -0.37 -3.44
CA GLY A 115 4.83 -0.79 -4.26
C GLY A 115 5.60 -1.97 -3.70
N GLY A 116 4.89 -2.82 -2.96
CA GLY A 116 5.39 -4.13 -2.54
C GLY A 116 6.57 -4.10 -1.62
N PHE A 117 6.80 -2.97 -0.96
CA PHE A 117 7.91 -2.74 -0.05
C PHE A 117 9.25 -2.73 -0.79
N TYR A 118 9.26 -2.90 -2.12
CA TYR A 118 10.49 -2.79 -2.90
C TYR A 118 10.56 -1.51 -3.72
N SER A 119 9.48 -0.73 -3.80
CA SER A 119 9.45 0.47 -4.63
C SER A 119 8.38 1.43 -4.09
N GLY A 120 8.27 2.59 -4.72
CA GLY A 120 7.25 3.57 -4.40
C GLY A 120 7.80 4.97 -4.15
N SER A 121 6.95 5.98 -4.40
CA SER A 121 7.38 7.36 -4.26
C SER A 121 6.21 8.22 -3.83
N SER A 122 6.49 9.20 -2.97
CA SER A 122 5.46 10.13 -2.52
C SER A 122 5.21 11.25 -3.51
N THR A 123 6.03 11.33 -4.56
CA THR A 123 6.05 12.44 -5.51
C THR A 123 5.37 12.10 -6.83
N LEU A 124 4.73 10.94 -6.95
CA LEU A 124 4.02 10.60 -8.19
C LEU A 124 2.87 11.57 -8.45
N ASP A 125 2.49 11.67 -9.71
CA ASP A 125 1.41 12.57 -10.09
C ASP A 125 0.07 12.10 -9.54
N VAL A 126 -0.17 10.78 -9.49
CA VAL A 126 -1.42 10.30 -8.90
C VAL A 126 -1.50 10.51 -7.39
N TYR A 127 -0.41 10.91 -6.73
CA TYR A 127 -0.42 11.12 -5.29
C TYR A 127 -0.41 12.60 -4.93
N ASN A 128 -0.65 13.49 -5.90
CA ASN A 128 -0.62 14.93 -5.68
C ASN A 128 -1.81 15.34 -4.82
N GLY A 129 -1.55 15.74 -3.58
CA GLY A 129 -2.62 15.96 -2.63
C GLY A 129 -3.42 17.24 -2.79
N LYS A 130 -3.11 18.08 -3.76
CA LYS A 130 -3.72 19.41 -3.80
C LYS A 130 -5.21 19.36 -4.12
N TYR A 131 -5.66 18.40 -4.91
CA TYR A 131 -7.08 18.33 -5.22
C TYR A 131 -7.89 17.88 -4.01
N LEU A 132 -7.34 16.96 -3.21
CA LEU A 132 -8.06 16.47 -2.06
C LEU A 132 -8.08 17.51 -0.95
N ALA A 133 -6.93 18.11 -0.66
CA ALA A 133 -6.87 19.15 0.34
C ALA A 133 -7.81 20.30 0.00
N TYR A 134 -7.84 20.69 -1.27
CA TYR A 134 -8.68 21.82 -1.69
C TYR A 134 -10.16 21.46 -1.67
N THR A 135 -10.53 20.35 -2.30
CA THR A 135 -11.94 20.00 -2.45
C THR A 135 -12.60 19.68 -1.11
N GLU A 136 -11.87 19.07 -0.18
CA GLU A 136 -12.47 18.55 1.05
C GLU A 136 -12.00 19.27 2.30
N GLU A 137 -11.18 20.30 2.18
CA GLU A 137 -10.74 21.12 3.32
C GLU A 137 -10.00 20.26 4.35
N VAL A 138 -9.11 19.41 3.87
CA VAL A 138 -8.24 18.63 4.74
C VAL A 138 -6.80 19.07 4.55
N VAL A 139 -5.97 18.77 5.55
CA VAL A 139 -4.52 18.85 5.44
C VAL A 139 -4.03 17.48 4.95
N LEU A 140 -3.35 17.48 3.81
CA LEU A 140 -2.92 16.23 3.17
C LEU A 140 -1.41 16.09 3.35
N VAL A 141 -1.00 15.09 4.11
CA VAL A 141 0.40 14.71 4.20
C VAL A 141 0.62 13.47 3.34
N SER A 142 1.77 13.39 2.70
CA SER A 142 2.27 12.13 2.18
C SER A 142 3.68 11.96 2.70
N LEU A 143 3.94 10.80 3.30
CA LEU A 143 5.24 10.48 3.86
C LEU A 143 6.04 9.63 2.87
N SER A 144 7.28 9.34 3.22
CA SER A 144 8.10 8.41 2.47
C SER A 144 8.79 7.48 3.45
N TYR A 145 9.34 6.39 2.91
CA TYR A 145 9.96 5.37 3.74
C TYR A 145 10.89 4.53 2.88
N ARG A 146 11.95 4.04 3.51
CA ARG A 146 12.92 3.20 2.81
C ARG A 146 12.28 1.91 2.33
N VAL A 147 12.52 1.57 1.06
CA VAL A 147 12.02 0.32 0.48
C VAL A 147 13.20 -0.57 0.16
N GLY A 148 12.89 -1.82 -0.19
CA GLY A 148 13.93 -2.75 -0.62
C GLY A 148 14.77 -3.19 0.56
N ALA A 149 16.01 -3.59 0.27
CA ALA A 149 16.94 -3.95 1.34
C ALA A 149 17.18 -2.78 2.30
N PHE A 150 17.17 -1.54 1.79
CA PHE A 150 17.51 -0.38 2.59
C PHE A 150 16.54 -0.19 3.75
N GLY A 151 15.30 -0.64 3.60
CA GLY A 151 14.30 -0.48 4.62
C GLY A 151 13.87 -1.78 5.28
N PHE A 152 14.20 -2.95 4.69
CA PHE A 152 13.67 -4.19 5.24
C PHE A 152 14.67 -5.35 5.30
N LEU A 153 15.97 -5.07 5.23
CA LEU A 153 16.95 -6.13 5.47
C LEU A 153 16.90 -6.54 6.93
N ALA A 154 16.52 -7.78 7.19
CA ALA A 154 16.21 -8.23 8.55
C ALA A 154 17.25 -9.27 9.00
N LEU A 155 18.16 -8.85 9.87
CA LEU A 155 19.13 -9.74 10.51
C LEU A 155 18.80 -9.72 12.01
N HIS A 156 17.87 -10.58 12.41
CA HIS A 156 17.29 -10.47 13.74
C HIS A 156 18.35 -10.73 14.79
N GLY A 157 18.23 -10.02 15.91
CA GLY A 157 19.22 -10.06 16.96
C GLY A 157 20.32 -9.03 16.84
N SER A 158 20.55 -8.51 15.65
CA SER A 158 21.47 -7.41 15.47
C SER A 158 20.75 -6.11 15.73
N GLN A 159 21.53 -5.06 15.98
CA GLN A 159 20.97 -3.72 16.13
C GLN A 159 21.36 -2.81 15.00
N GLU A 160 22.25 -3.26 14.11
CA GLU A 160 22.66 -2.54 12.92
C GLU A 160 21.71 -2.79 11.76
N ALA A 161 21.02 -3.93 11.73
CA ALA A 161 20.02 -4.23 10.72
C ALA A 161 18.97 -5.14 11.34
N PRO A 162 18.11 -4.59 12.21
CA PRO A 162 17.09 -5.42 12.88
C PRO A 162 15.93 -5.80 11.99
N GLY A 163 15.74 -5.12 10.86
CA GLY A 163 14.51 -5.26 10.09
C GLY A 163 13.51 -4.18 10.44
N ASN A 164 12.46 -4.11 9.63
CA ASN A 164 11.31 -3.22 9.80
C ASN A 164 11.65 -1.73 9.82
N VAL A 165 12.89 -1.33 9.52
CA VAL A 165 13.23 0.08 9.69
C VAL A 165 12.42 0.97 8.75
N GLY A 166 11.99 0.44 7.60
CA GLY A 166 11.07 1.18 6.76
C GLY A 166 9.73 1.47 7.41
N LEU A 167 9.23 0.54 8.26
CA LEU A 167 8.04 0.84 9.05
C LEU A 167 8.34 1.86 10.14
N LEU A 168 9.52 1.76 10.74
CA LEU A 168 9.94 2.80 11.68
C LEU A 168 10.06 4.15 10.99
N ASP A 169 10.42 4.17 9.70
CA ASP A 169 10.39 5.41 8.94
C ASP A 169 8.98 6.02 8.94
N GLN A 170 7.99 5.19 8.62
CA GLN A 170 6.61 5.66 8.60
C GLN A 170 6.19 6.15 9.99
N ARG A 171 6.58 5.41 11.03
CA ARG A 171 6.19 5.79 12.38
C ARG A 171 6.75 7.15 12.75
N MET A 172 8.02 7.41 12.43
CA MET A 172 8.62 8.72 12.69
C MET A 172 7.90 9.84 11.94
N ALA A 173 7.49 9.60 10.70
CA ALA A 173 6.70 10.61 10.02
C ALA A 173 5.40 10.87 10.76
N LEU A 174 4.77 9.81 11.28
CA LEU A 174 3.53 9.97 12.04
C LEU A 174 3.79 10.73 13.34
N GLN A 175 4.90 10.41 14.01
CA GLN A 175 5.32 11.16 15.19
C GLN A 175 5.54 12.63 14.85
N TRP A 176 6.10 12.91 13.68
CA TRP A 176 6.33 14.29 13.29
C TRP A 176 5.01 15.03 13.08
N VAL A 177 4.03 14.38 12.44
CA VAL A 177 2.71 14.98 12.24
C VAL A 177 2.04 15.25 13.60
N HIS A 178 2.19 14.30 14.53
CA HIS A 178 1.60 14.45 15.85
C HIS A 178 2.15 15.69 16.54
N ASP A 179 3.45 15.93 16.38
CA ASP A 179 4.15 16.99 17.08
C ASP A 179 4.12 18.35 16.38
N ASN A 180 3.91 18.39 15.05
CA ASN A 180 4.03 19.65 14.32
C ASN A 180 2.81 20.05 13.50
N ILE A 181 1.86 19.14 13.25
CA ILE A 181 0.85 19.47 12.25
C ILE A 181 -0.04 20.62 12.72
N GLN A 182 -0.11 20.86 14.04
CA GLN A 182 -0.86 22.00 14.59
C GLN A 182 -0.42 23.33 13.98
N PHE A 183 0.87 23.49 13.71
CA PHE A 183 1.36 24.74 13.18
C PHE A 183 0.92 24.99 11.74
N PHE A 184 0.58 23.92 11.01
CA PHE A 184 0.08 24.02 9.65
C PHE A 184 -1.45 24.11 9.60
N GLY A 185 -2.10 24.23 10.77
CA GLY A 185 -3.55 24.25 10.83
C GLY A 185 -4.21 22.89 10.81
N GLY A 186 -3.44 21.81 10.95
CA GLY A 186 -4.01 20.48 11.08
C GLY A 186 -4.27 20.08 12.53
N ASP A 187 -5.31 19.29 12.72
CA ASP A 187 -5.75 18.80 14.02
C ASP A 187 -5.06 17.48 14.34
N PRO A 188 -3.99 17.49 15.15
CA PRO A 188 -3.28 16.23 15.46
C PRO A 188 -4.14 15.19 16.15
N LYS A 189 -5.30 15.57 16.71
CA LYS A 189 -6.22 14.61 17.31
C LYS A 189 -7.03 13.83 16.29
N THR A 190 -7.06 14.25 15.02
CA THR A 190 -7.92 13.67 14.01
C THR A 190 -7.10 13.38 12.75
N VAL A 191 -6.12 12.49 12.91
CA VAL A 191 -5.21 12.08 11.84
C VAL A 191 -5.68 10.72 11.32
N THR A 192 -5.95 10.65 10.03
CA THR A 192 -6.29 9.40 9.36
C THR A 192 -5.13 8.98 8.49
N ILE A 193 -4.58 7.79 8.73
CA ILE A 193 -3.58 7.21 7.85
C ILE A 193 -4.28 6.37 6.80
N PHE A 194 -3.86 6.51 5.54
CA PHE A 194 -4.43 5.68 4.48
C PHE A 194 -3.35 5.37 3.47
N GLY A 195 -3.50 4.23 2.80
CA GLY A 195 -2.51 3.80 1.83
C GLY A 195 -3.00 2.62 1.02
N GLU A 196 -2.31 2.40 -0.10
CA GLU A 196 -2.77 1.41 -1.05
C GLU A 196 -1.80 0.24 -1.15
C2 BXT A 197 0.50 -7.01 -3.99
C4 BXT A 197 0.01 -5.68 -4.36
C5 BXT A 197 2.12 -4.90 -5.01
N BXT A 197 -2.51 -1.02 -1.05
CA BXT A 197 -1.58 -2.21 -1.27
C BXT A 197 -0.51 -2.04 -0.20
O BXT A 197 -0.84 -2.74 0.92
CB BXT A 197 -0.82 -2.06 -2.61
OG BXT A 197 -0.51 -3.27 -3.25
C1 BXT A 197 0.78 -3.61 -3.53
N3 BXT A 197 0.99 -4.71 -4.24
O2 BXT A 197 1.66 -2.98 -3.18
N ALA A 198 0.78 -2.12 -0.56
CA ALA A 198 1.82 -2.25 0.47
C ALA A 198 1.57 -1.20 1.54
N GLY A 199 1.12 -0.02 1.12
CA GLY A 199 0.73 1.01 2.06
C GLY A 199 -0.53 0.65 2.81
N GLY A 200 -1.43 -0.10 2.18
CA GLY A 200 -2.57 -0.65 2.90
C GLY A 200 -2.13 -1.65 3.96
N ALA A 201 -1.24 -2.57 3.58
CA ALA A 201 -0.68 -3.48 4.58
C ALA A 201 0.04 -2.70 5.67
N SER A 202 0.74 -1.62 5.30
CA SER A 202 1.43 -0.80 6.28
C SER A 202 0.45 -0.20 7.30
N VAL A 203 -0.65 0.37 6.81
CA VAL A 203 -1.68 0.93 7.69
C VAL A 203 -2.15 -0.14 8.68
N GLY A 204 -2.41 -1.31 8.20
CA GLY A 204 -2.83 -2.38 9.05
C GLY A 204 -1.79 -2.73 10.07
N MET A 205 -0.54 -2.66 9.70
CA MET A 205 0.54 -2.95 10.60
C MET A 205 0.66 -1.95 11.73
N HIS A 206 0.41 -0.70 11.44
CA HIS A 206 0.43 0.34 12.42
C HIS A 206 -0.71 0.16 13.43
N ILE A 207 -1.84 -0.37 12.97
CA ILE A 207 -2.98 -0.71 13.82
C ILE A 207 -2.60 -1.82 14.78
N LEU A 208 -1.78 -2.77 14.32
CA LEU A 208 -1.39 -3.89 15.16
C LEU A 208 -0.27 -3.52 16.14
N SER A 209 0.72 -2.76 15.67
CA SER A 209 1.95 -2.53 16.45
C SER A 209 1.71 -1.60 17.64
N PRO A 210 1.93 -2.05 18.89
CA PRO A 210 1.64 -1.18 20.06
C PRO A 210 2.35 0.17 19.99
N GLY A 211 3.59 0.19 19.55
CA GLY A 211 4.38 1.40 19.41
C GLY A 211 3.91 2.38 18.35
N SER A 212 2.91 2.03 17.55
CA SER A 212 2.35 2.92 16.54
C SER A 212 0.93 3.39 16.84
N ARG A 213 0.18 2.68 17.70
CA ARG A 213 -1.26 2.92 17.77
C ARG A 213 -1.62 4.33 18.22
N ASP A 214 -0.79 4.97 19.05
CA ASP A 214 -1.19 6.25 19.60
C ASP A 214 -0.88 7.43 18.68
N LEU A 215 -0.36 7.17 17.47
CA LEU A 215 0.05 8.24 16.57
C LEU A 215 -1.00 8.57 15.51
N PHE A 216 -2.20 8.00 15.60
CA PHE A 216 -3.22 8.32 14.60
C PHE A 216 -4.58 7.96 15.18
N ARG A 217 -5.62 8.56 14.58
CA ARG A 217 -6.99 8.41 15.06
C ARG A 217 -7.72 7.23 14.41
N ARG A 218 -7.63 7.10 13.09
CA ARG A 218 -8.34 6.05 12.37
C ARG A 218 -7.61 5.78 11.06
N ALA A 219 -8.15 4.84 10.28
CA ALA A 219 -7.32 4.23 9.24
C ALA A 219 -8.15 3.79 8.04
N ILE A 220 -7.52 3.86 6.87
CA ILE A 220 -8.11 3.42 5.60
C ILE A 220 -7.12 2.50 4.89
N LEU A 221 -7.59 1.33 4.45
CA LEU A 221 -6.77 0.34 3.77
C LEU A 221 -7.33 0.10 2.37
N GLN A 222 -6.50 0.28 1.34
CA GLN A 222 -6.94 0.02 -0.04
C GLN A 222 -6.13 -1.12 -0.64
N SER A 223 -6.80 -2.23 -0.96
CA SER A 223 -6.17 -3.35 -1.70
C SER A 223 -4.94 -3.88 -0.98
N GLY A 224 -4.98 -3.91 0.36
CA GLY A 224 -3.85 -4.42 1.11
C GLY A 224 -4.20 -4.58 2.57
N SER A 225 -3.63 -5.58 3.23
CA SER A 225 -3.89 -5.81 4.64
C SER A 225 -2.66 -6.51 5.21
N PRO A 226 -2.40 -6.39 6.52
CA PRO A 226 -1.10 -6.83 7.05
C PRO A 226 -0.86 -8.33 6.95
N ASN A 227 -1.91 -9.15 6.89
CA ASN A 227 -1.77 -10.59 6.79
C ASN A 227 -1.61 -11.10 5.35
N CYS A 228 -1.37 -10.23 4.38
CA CYS A 228 -1.21 -10.66 3.00
C CYS A 228 0.04 -11.53 2.87
N PRO A 229 -0.03 -12.62 2.10
CA PRO A 229 1.11 -13.55 2.04
C PRO A 229 2.42 -12.90 1.59
N TRP A 230 2.37 -11.85 0.77
CA TRP A 230 3.55 -11.16 0.29
C TRP A 230 4.06 -10.07 1.23
N ALA A 231 3.32 -9.76 2.30
CA ALA A 231 3.58 -8.56 3.09
C ALA A 231 4.50 -8.78 4.29
N SER A 232 4.77 -10.02 4.69
CA SER A 232 5.71 -10.25 5.78
C SER A 232 6.39 -11.60 5.63
N VAL A 233 7.58 -11.72 6.24
CA VAL A 233 8.29 -12.97 6.40
C VAL A 233 8.63 -13.21 7.87
N SER A 234 8.89 -14.48 8.19
CA SER A 234 9.43 -14.88 9.48
C SER A 234 10.85 -14.36 9.68
N VAL A 235 11.30 -14.38 10.94
CA VAL A 235 12.64 -13.94 11.27
C VAL A 235 13.69 -14.85 10.61
N ALA A 236 13.39 -16.15 10.53
CA ALA A 236 14.33 -17.08 9.93
C ALA A 236 14.47 -16.86 8.43
N GLU A 237 13.36 -16.57 7.75
CA GLU A 237 13.41 -16.32 6.32
C GLU A 237 14.06 -14.99 5.99
N GLY A 238 13.82 -13.96 6.82
CA GLY A 238 14.48 -12.69 6.58
C GLY A 238 15.99 -12.80 6.73
N ARG A 239 16.44 -13.56 7.72
CA ARG A 239 17.87 -13.77 7.90
C ARG A 239 18.44 -14.57 6.73
N ARG A 240 17.69 -15.58 6.26
CA ARG A 240 18.15 -16.35 5.10
C ARG A 240 18.32 -15.47 3.87
N ARG A 241 17.35 -14.59 3.61
CA ARG A 241 17.47 -13.72 2.44
C ARG A 241 18.59 -12.69 2.61
N ALA A 242 18.85 -12.24 3.83
CA ALA A 242 19.93 -11.27 4.03
C ALA A 242 21.29 -11.90 3.77
N VAL A 243 21.49 -13.13 4.26
CA VAL A 243 22.72 -13.86 3.95
C VAL A 243 22.83 -14.10 2.45
N GLU A 244 21.74 -14.55 1.83
CA GLU A 244 21.73 -14.79 0.40
C GLU A 244 22.04 -13.53 -0.38
N LEU A 245 21.69 -12.36 0.14
CA LEU A 245 22.10 -11.13 -0.50
C LEU A 245 23.62 -10.98 -0.45
N GLY A 246 24.22 -11.28 0.70
CA GLY A 246 25.67 -11.16 0.83
C GLY A 246 26.40 -12.15 -0.05
N ARG A 247 25.86 -13.37 -0.19
CA ARG A 247 26.48 -14.35 -1.07
C ARG A 247 26.50 -13.84 -2.51
N ASN A 248 25.42 -13.20 -2.96
CA ASN A 248 25.39 -12.61 -4.29
C ASN A 248 26.41 -11.50 -4.48
N LEU A 249 26.95 -10.95 -3.40
CA LEU A 249 27.78 -9.75 -3.50
C LEU A 249 29.18 -9.94 -2.92
N ASN A 250 29.65 -11.19 -2.81
CA ASN A 250 31.00 -11.49 -2.32
C ASN A 250 31.25 -10.81 -0.97
N CYS A 251 30.44 -11.19 0.00
CA CYS A 251 30.54 -10.64 1.34
C CYS A 251 30.99 -11.73 2.30
N ASN A 252 31.86 -11.36 3.24
CA ASN A 252 32.19 -12.30 4.30
C ASN A 252 30.93 -12.60 5.11
N LEU A 253 30.60 -13.89 5.23
CA LEU A 253 29.36 -14.33 5.84
C LEU A 253 29.58 -14.92 7.24
N ASN A 254 30.71 -14.60 7.88
CA ASN A 254 31.01 -15.21 9.17
C ASN A 254 30.12 -14.64 10.27
N SER A 255 30.05 -13.32 10.37
CA SER A 255 29.27 -12.67 11.41
C SER A 255 28.28 -11.66 10.80
N ASP A 256 27.22 -11.39 11.56
CA ASP A 256 26.32 -10.29 11.20
C ASP A 256 27.09 -8.99 11.02
N GLU A 257 28.05 -8.73 11.90
CA GLU A 257 28.83 -7.49 11.81
C GLU A 257 29.58 -7.41 10.49
N GLU A 258 30.10 -8.54 10.01
CA GLU A 258 30.88 -8.49 8.78
C GLU A 258 29.99 -8.52 7.54
N LEU A 259 28.93 -9.35 7.57
CA LEU A 259 27.90 -9.28 6.54
C LEU A 259 27.40 -7.85 6.33
N ILE A 260 27.09 -7.15 7.43
CA ILE A 260 26.51 -5.81 7.34
C ILE A 260 27.55 -4.79 6.89
N HIS A 261 28.79 -4.91 7.35
CA HIS A 261 29.83 -3.98 6.91
C HIS A 261 30.05 -4.05 5.41
N CYS A 262 30.00 -5.26 4.85
CA CYS A 262 30.14 -5.43 3.40
C CYS A 262 28.94 -4.82 2.67
N LEU A 263 27.72 -5.15 3.11
CA LEU A 263 26.53 -4.58 2.50
C LEU A 263 26.53 -3.06 2.57
N ARG A 264 27.04 -2.48 3.69
CA ARG A 264 27.15 -1.03 3.78
C ARG A 264 28.20 -0.49 2.81
N GLU A 265 29.22 -1.28 2.50
CA GLU A 265 30.27 -0.85 1.60
C GLU A 265 29.79 -0.70 0.15
N LYS A 266 28.74 -1.39 -0.21
CA LYS A 266 28.25 -1.34 -1.57
C LYS A 266 27.53 -0.12 -2.07
N LYS A 267 27.55 0.11 -3.36
CA LYS A 267 26.77 1.20 -3.90
C LYS A 267 25.30 0.81 -3.98
N PRO A 268 24.37 1.77 -3.87
CA PRO A 268 22.95 1.42 -3.84
C PRO A 268 22.51 0.53 -5.00
N GLN A 269 22.93 0.84 -6.23
CA GLN A 269 22.47 0.05 -7.38
C GLN A 269 23.00 -1.39 -7.36
N GLU A 270 24.10 -1.66 -6.65
CA GLU A 270 24.58 -3.04 -6.54
C GLU A 270 23.61 -3.89 -5.73
N LEU A 271 23.06 -3.33 -4.64
CA LEU A 271 22.07 -4.06 -3.88
C LEU A 271 20.82 -4.34 -4.73
N ILE A 272 20.34 -3.31 -5.43
CA ILE A 272 19.13 -3.45 -6.24
C ILE A 272 19.31 -4.50 -7.33
N ASP A 273 20.44 -4.46 -8.06
CA ASP A 273 20.66 -5.35 -9.20
C ASP A 273 20.48 -6.82 -8.85
N VAL A 274 20.76 -7.20 -7.59
CA VAL A 274 20.75 -8.60 -7.22
C VAL A 274 19.58 -8.96 -6.29
N GLU A 275 18.70 -8.01 -5.95
CA GLU A 275 17.78 -8.23 -4.84
C GLU A 275 16.73 -9.30 -5.15
N TRP A 276 16.39 -9.49 -6.44
CA TRP A 276 15.44 -10.56 -6.74
C TRP A 276 16.04 -11.95 -6.66
N ASN A 277 17.36 -12.07 -6.48
CA ASN A 277 18.02 -13.38 -6.46
C ASN A 277 17.90 -14.10 -5.13
N VAL A 278 17.52 -13.39 -4.06
CA VAL A 278 17.45 -14.00 -2.74
C VAL A 278 16.13 -14.69 -2.52
N LEU A 279 15.21 -14.62 -3.49
CA LEU A 279 13.89 -15.18 -3.31
C LEU A 279 13.95 -16.70 -3.34
N PRO A 280 13.00 -17.37 -2.70
CA PRO A 280 12.92 -18.82 -2.80
C PRO A 280 12.51 -19.24 -4.20
N PHE A 281 12.44 -20.50 -4.38
CA PHE A 281 12.07 -21.15 -5.61
C PHE A 281 10.74 -20.60 -6.11
N ASP A 282 9.75 -20.45 -5.24
CA ASP A 282 8.48 -19.93 -5.67
C ASP A 282 8.54 -18.46 -5.36
N SER A 283 8.74 -17.68 -6.40
CA SER A 283 8.94 -16.29 -6.22
C SER A 283 8.15 -15.37 -7.05
N ILE A 284 7.25 -15.87 -7.83
CA ILE A 284 6.63 -14.99 -8.81
C ILE A 284 5.66 -14.02 -8.15
N PHE A 285 5.10 -14.38 -7.00
CA PHE A 285 4.20 -13.51 -6.26
C PHE A 285 4.82 -13.00 -4.96
N ARG A 286 6.14 -12.89 -4.90
CA ARG A 286 6.83 -12.50 -3.68
C ARG A 286 7.77 -11.34 -3.94
N PHE A 287 8.13 -10.66 -2.86
CA PHE A 287 9.05 -9.54 -2.88
C PHE A 287 10.12 -9.80 -1.82
N SER A 288 11.35 -9.35 -2.12
CA SER A 288 12.50 -9.84 -1.39
C SER A 288 12.53 -9.36 0.06
N PHE A 289 12.53 -8.05 0.29
CA PHE A 289 12.69 -7.49 1.63
C PHE A 289 11.40 -6.81 2.06
N VAL A 290 10.68 -7.47 2.96
CA VAL A 290 9.37 -7.06 3.45
C VAL A 290 9.39 -7.02 4.97
N PRO A 291 8.36 -6.51 5.64
CA PRO A 291 8.36 -6.51 7.11
C PRO A 291 8.55 -7.92 7.68
N VAL A 292 9.13 -7.97 8.88
CA VAL A 292 9.52 -9.22 9.54
C VAL A 292 8.78 -9.34 10.87
N ILE A 293 8.23 -10.52 11.14
CA ILE A 293 7.51 -10.76 12.39
C ILE A 293 8.53 -10.98 13.50
N ASP A 294 8.93 -9.90 14.16
CA ASP A 294 10.18 -9.89 14.91
C ASP A 294 10.00 -9.95 16.42
N GLY A 295 8.78 -10.01 16.92
CA GLY A 295 8.58 -9.99 18.35
C GLY A 295 8.73 -8.62 18.99
N GLU A 296 9.13 -7.59 18.23
CA GLU A 296 9.27 -6.24 18.76
C GLU A 296 8.19 -5.34 18.19
N PHE A 297 8.35 -4.96 16.92
CA PHE A 297 7.30 -4.24 16.19
C PHE A 297 6.00 -5.03 16.21
N PHE A 298 6.07 -6.33 15.99
CA PHE A 298 4.91 -7.20 16.15
C PHE A 298 5.15 -8.10 17.35
N PRO A 299 4.45 -7.88 18.48
CA PRO A 299 4.74 -8.71 19.67
C PRO A 299 4.64 -10.20 19.42
N THR A 300 3.55 -10.66 18.81
CA THR A 300 3.41 -12.07 18.44
C THR A 300 3.05 -12.22 16.96
N SER A 301 2.58 -13.41 16.59
CA SER A 301 2.19 -13.66 15.21
C SER A 301 0.97 -12.82 14.85
N LEU A 302 0.88 -12.41 13.58
CA LEU A 302 -0.23 -11.55 13.17
C LEU A 302 -1.57 -12.19 13.47
N GLU A 303 -1.67 -13.49 13.21
CA GLU A 303 -2.94 -14.19 13.40
C GLU A 303 -3.35 -14.24 14.87
N SER A 304 -2.39 -14.47 15.77
CA SER A 304 -2.74 -14.49 17.20
C SER A 304 -3.14 -13.10 17.67
N MET A 305 -2.46 -12.05 17.19
CA MET A 305 -2.87 -10.67 17.51
C MET A 305 -4.29 -10.40 17.02
N LEU A 306 -4.62 -10.87 15.82
CA LEU A 306 -5.96 -10.65 15.28
C LEU A 306 -7.00 -11.42 16.07
N ASN A 307 -6.66 -12.65 16.49
CA ASN A 307 -7.60 -13.45 17.26
C ASN A 307 -7.87 -12.86 18.63
N SER A 308 -6.83 -12.40 19.33
CA SER A 308 -6.99 -11.99 20.72
C SER A 308 -7.42 -10.55 20.89
N GLY A 309 -7.65 -9.81 19.80
CA GLY A 309 -7.99 -8.40 19.90
C GLY A 309 -6.82 -7.49 20.18
N ASN A 310 -5.58 -7.98 19.99
CA ASN A 310 -4.39 -7.21 20.32
C ASN A 310 -4.08 -6.23 19.18
N PHE A 311 -4.83 -5.12 19.16
CA PHE A 311 -4.67 -4.09 18.13
C PHE A 311 -5.52 -2.86 18.48
N LYS A 312 -5.12 -1.71 17.96
CA LYS A 312 -5.87 -0.47 18.18
C LYS A 312 -7.31 -0.60 17.71
N LYS A 313 -8.25 -0.24 18.57
CA LYS A 313 -9.67 -0.41 18.29
C LYS A 313 -10.25 0.95 17.93
N THR A 314 -10.50 1.16 16.64
CA THR A 314 -11.00 2.43 16.14
C THR A 314 -11.93 2.12 14.97
N GLN A 315 -12.26 3.13 14.16
CA GLN A 315 -13.00 2.90 12.91
C GLN A 315 -12.01 2.64 11.78
N ILE A 316 -12.40 1.73 10.87
CA ILE A 316 -11.62 1.46 9.66
C ILE A 316 -12.52 1.47 8.44
N LEU A 317 -11.96 1.93 7.32
CA LEU A 317 -12.60 1.95 6.03
C LEU A 317 -11.68 1.31 5.01
N LEU A 318 -12.11 0.22 4.37
CA LEU A 318 -11.20 -0.54 3.53
C LEU A 318 -11.97 -1.25 2.41
N GLY A 319 -11.22 -1.76 1.43
CA GLY A 319 -11.83 -2.39 0.28
C GLY A 319 -10.80 -2.88 -0.73
N VAL A 320 -11.32 -3.41 -1.83
CA VAL A 320 -10.52 -3.99 -2.90
C VAL A 320 -11.07 -3.54 -4.25
N ASN A 321 -10.27 -3.75 -5.29
CA ASN A 321 -10.69 -3.62 -6.68
C ASN A 321 -11.04 -4.98 -7.25
N LYS A 322 -11.88 -4.97 -8.29
CA LYS A 322 -12.42 -6.22 -8.81
C LYS A 322 -11.32 -7.19 -9.25
N ASP A 323 -10.23 -6.69 -9.84
CA ASP A 323 -9.24 -7.57 -10.48
C ASP A 323 -7.84 -7.31 -9.90
N GLU A 324 -7.56 -7.95 -8.76
CA GLU A 324 -6.34 -7.71 -8.00
C GLU A 324 -5.16 -8.55 -8.47
N GLY A 325 -5.37 -9.56 -9.29
CA GLY A 325 -4.28 -10.41 -9.70
C GLY A 325 -3.59 -10.06 -11.01
N SER A 326 -4.07 -9.06 -11.74
CA SER A 326 -3.72 -8.87 -13.14
C SER A 326 -2.23 -8.53 -13.31
N PHE A 327 -1.70 -7.66 -12.46
CA PHE A 327 -0.31 -7.28 -12.62
C PHE A 327 0.63 -8.43 -12.30
N PHE A 328 0.29 -9.24 -11.28
CA PHE A 328 1.09 -10.42 -10.97
C PHE A 328 1.24 -11.32 -12.19
N LEU A 329 0.13 -11.55 -12.91
CA LEU A 329 0.15 -12.49 -14.03
C LEU A 329 0.87 -11.90 -15.22
N LEU A 330 0.53 -10.65 -15.58
CA LEU A 330 1.21 -9.96 -16.67
C LEU A 330 2.72 -9.96 -16.49
N TYR A 331 3.20 -9.65 -15.29
CA TYR A 331 4.65 -9.48 -15.14
C TYR A 331 5.38 -10.80 -14.92
N GLY A 332 4.68 -11.80 -14.37
CA GLY A 332 5.37 -13.01 -13.97
C GLY A 332 4.89 -14.35 -14.51
N ALA A 333 3.68 -14.44 -15.06
CA ALA A 333 3.15 -15.73 -15.48
C ALA A 333 3.31 -15.90 -16.99
N PRO A 334 4.02 -16.93 -17.46
CA PRO A 334 4.16 -17.12 -18.91
C PRO A 334 2.81 -17.36 -19.58
N GLY A 335 2.62 -16.68 -20.71
CA GLY A 335 1.36 -16.73 -21.43
C GLY A 335 0.55 -15.45 -21.37
N PHE A 336 0.93 -14.48 -20.55
CA PHE A 336 0.26 -13.20 -20.45
C PHE A 336 1.14 -12.13 -21.06
N SER A 337 0.54 -11.26 -21.87
CA SER A 337 1.28 -10.17 -22.49
C SER A 337 0.43 -8.92 -22.48
N LYS A 338 1.11 -7.77 -22.52
CA LYS A 338 0.37 -6.52 -22.48
C LYS A 338 -0.50 -6.36 -23.72
N ASP A 339 -0.05 -6.88 -24.86
CA ASP A 339 -0.64 -6.56 -26.15
C ASP A 339 -1.47 -7.67 -26.76
N SER A 340 -1.57 -8.84 -26.11
CA SER A 340 -2.54 -9.85 -26.51
C SER A 340 -3.71 -9.85 -25.53
N GLU A 341 -4.77 -10.55 -25.92
CA GLU A 341 -5.86 -10.82 -25.00
C GLU A 341 -5.49 -11.85 -23.94
N SER A 342 -4.33 -12.50 -24.07
CA SER A 342 -3.80 -13.41 -23.07
C SER A 342 -4.79 -14.53 -22.75
N LYS A 343 -5.28 -15.20 -23.80
CA LYS A 343 -6.09 -16.38 -23.61
C LYS A 343 -5.21 -17.55 -23.22
N ILE A 344 -5.72 -18.39 -22.33
CA ILE A 344 -4.91 -19.35 -21.58
C ILE A 344 -5.41 -20.76 -21.91
N SER A 345 -4.49 -21.62 -22.31
CA SER A 345 -4.84 -23.01 -22.55
C SER A 345 -5.20 -23.71 -21.24
N ARG A 346 -5.76 -24.88 -21.36
CA ARG A 346 -6.06 -25.71 -20.23
C ARG A 346 -4.73 -26.06 -19.61
N GLU A 347 -3.71 -26.25 -20.42
CA GLU A 347 -2.37 -26.57 -19.93
C GLU A 347 -1.78 -25.42 -19.14
N ASP A 348 -1.87 -24.24 -19.69
CA ASP A 348 -1.35 -23.05 -19.05
C ASP A 348 -2.07 -22.75 -17.76
N PHE A 349 -3.35 -23.08 -17.70
CA PHE A 349 -4.13 -22.90 -16.48
C PHE A 349 -3.56 -23.72 -15.34
N MET A 350 -3.33 -25.02 -15.58
N MET A 350 -3.35 -25.02 -15.58
CA MET A 350 -2.79 -25.86 -14.52
CA MET A 350 -2.77 -25.89 -14.56
C MET A 350 -1.40 -25.40 -14.08
C MET A 350 -1.44 -25.34 -14.07
N SER A 351 -0.64 -24.81 -14.97
CA SER A 351 0.62 -24.25 -14.48
C SER A 351 0.46 -23.09 -13.60
N GLY A 352 -0.50 -22.25 -13.89
CA GLY A 352 -0.75 -21.07 -13.09
C GLY A 352 -1.18 -21.48 -11.71
N VAL A 353 -1.96 -22.52 -11.66
CA VAL A 353 -2.44 -23.03 -10.44
C VAL A 353 -1.30 -23.56 -9.64
N LYS A 354 -0.41 -24.26 -10.28
CA LYS A 354 0.74 -24.78 -9.59
C LYS A 354 1.55 -23.65 -9.06
N LEU A 355 1.77 -22.64 -9.86
CA LEU A 355 2.56 -21.52 -9.44
C LEU A 355 1.94 -20.81 -8.31
N SER A 356 0.63 -20.72 -8.32
CA SER A 356 -0.12 -20.01 -7.29
C SER A 356 0.00 -20.58 -5.93
N VAL A 357 0.05 -21.88 -5.85
CA VAL A 357 0.21 -22.55 -4.57
C VAL A 357 1.29 -23.60 -4.78
N PRO A 358 2.55 -23.17 -4.76
CA PRO A 358 3.62 -24.11 -5.10
C PRO A 358 3.91 -25.15 -4.07
N HIS A 359 3.45 -24.96 -2.85
CA HIS A 359 3.68 -25.93 -1.80
C HIS A 359 2.52 -26.87 -1.58
N ALA A 360 1.38 -26.63 -2.24
CA ALA A 360 0.27 -27.55 -2.15
C ALA A 360 0.66 -28.91 -2.70
N ASN A 361 0.20 -29.96 -2.04
CA ASN A 361 0.39 -31.31 -2.54
C ASN A 361 -0.56 -31.52 -3.73
N ASP A 362 -0.60 -32.74 -4.24
CA ASP A 362 -1.48 -33.01 -5.36
C ASP A 362 -2.93 -32.74 -5.01
N LEU A 363 -3.33 -33.06 -3.78
CA LEU A 363 -4.72 -32.87 -3.35
C LEU A 363 -5.07 -31.39 -3.29
N GLY A 364 -4.16 -30.55 -2.78
CA GLY A 364 -4.42 -29.12 -2.77
C GLY A 364 -4.54 -28.53 -4.16
N LEU A 365 -3.67 -28.98 -5.08
CA LEU A 365 -3.75 -28.52 -6.46
C LEU A 365 -5.09 -28.88 -7.09
N ASP A 366 -5.57 -30.09 -6.84
CA ASP A 366 -6.88 -30.49 -7.35
C ASP A 366 -7.98 -29.64 -6.75
N ALA A 367 -7.85 -29.26 -5.46
CA ALA A 367 -8.89 -28.49 -4.81
C ALA A 367 -9.04 -27.13 -5.45
N VAL A 368 -7.92 -26.44 -5.68
CA VAL A 368 -7.97 -25.13 -6.33
C VAL A 368 -8.53 -25.27 -7.74
N THR A 369 -8.10 -26.29 -8.49
CA THR A 369 -8.59 -26.48 -9.84
C THR A 369 -10.10 -26.71 -9.85
N LEU A 370 -10.59 -27.61 -9.00
CA LEU A 370 -12.03 -27.85 -8.91
C LEU A 370 -12.78 -26.58 -8.57
N GLN A 371 -12.19 -25.74 -7.72
CA GLN A 371 -12.90 -24.55 -7.26
C GLN A 371 -13.04 -23.50 -8.35
N TYR A 372 -12.06 -23.40 -9.25
CA TYR A 372 -12.00 -22.30 -10.20
C TYR A 372 -12.18 -22.70 -11.65
N THR A 373 -12.33 -23.98 -11.96
CA THR A 373 -12.57 -24.39 -13.34
C THR A 373 -14.03 -24.18 -13.71
N ASP A 374 -14.27 -23.69 -14.93
CA ASP A 374 -15.56 -23.83 -15.57
C ASP A 374 -15.64 -25.23 -16.19
N TRP A 375 -16.38 -26.14 -15.56
CA TRP A 375 -16.45 -27.50 -16.05
C TRP A 375 -17.42 -27.66 -17.21
N MET A 376 -18.29 -26.68 -17.46
CA MET A 376 -19.16 -26.72 -18.63
C MET A 376 -18.37 -26.58 -19.94
N ASP A 377 -17.25 -25.87 -19.93
CA ASP A 377 -16.23 -26.06 -20.97
C ASP A 377 -14.84 -25.73 -20.44
N ASP A 378 -13.95 -26.73 -20.45
CA ASP A 378 -12.60 -26.58 -19.92
C ASP A 378 -11.72 -25.67 -20.79
N ASN A 379 -11.83 -25.78 -22.12
CA ASN A 379 -10.89 -25.12 -23.02
C ASN A 379 -11.46 -23.85 -23.62
N ASN A 380 -11.95 -22.96 -22.75
CA ASN A 380 -12.28 -21.59 -23.10
C ASN A 380 -11.12 -20.72 -22.62
N GLY A 381 -10.41 -20.10 -23.56
CA GLY A 381 -9.21 -19.35 -23.20
C GLY A 381 -9.52 -18.16 -22.31
N ILE A 382 -10.65 -17.49 -22.56
CA ILE A 382 -11.02 -16.34 -21.74
C ILE A 382 -11.42 -16.77 -20.34
N LYS A 383 -12.21 -17.84 -20.22
CA LYS A 383 -12.54 -18.39 -18.91
C LYS A 383 -11.27 -18.80 -18.15
N ASN A 384 -10.39 -19.56 -18.79
CA ASN A 384 -9.14 -19.94 -18.13
C ASN A 384 -8.36 -18.70 -17.66
N ARG A 385 -8.33 -17.65 -18.48
CA ARG A 385 -7.62 -16.43 -18.09
C ARG A 385 -8.27 -15.81 -16.87
N ASP A 386 -9.58 -15.61 -16.94
CA ASP A 386 -10.30 -14.97 -15.85
C ASP A 386 -10.20 -15.81 -14.57
N GLY A 387 -10.23 -17.13 -14.70
CA GLY A 387 -10.13 -17.99 -13.52
C GLY A 387 -8.79 -17.86 -12.83
N LEU A 388 -7.70 -17.89 -13.60
CA LEU A 388 -6.37 -17.69 -13.02
C LEU A 388 -6.24 -16.31 -12.40
N ASP A 389 -6.79 -15.28 -13.05
CA ASP A 389 -6.77 -13.94 -12.50
C ASP A 389 -7.49 -13.91 -11.15
N ASP A 390 -8.62 -14.60 -11.06
CA ASP A 390 -9.37 -14.67 -9.81
C ASP A 390 -8.59 -15.41 -8.74
N ILE A 391 -7.96 -16.53 -9.10
CA ILE A 391 -7.13 -17.26 -8.15
C ILE A 391 -6.11 -16.31 -7.52
N VAL A 392 -5.33 -15.62 -8.35
CA VAL A 392 -4.22 -14.84 -7.84
C VAL A 392 -4.71 -13.68 -6.98
N GLY A 393 -5.77 -13.01 -7.42
CA GLY A 393 -6.29 -11.89 -6.67
C GLY A 393 -6.93 -12.33 -5.37
N ASP A 394 -7.68 -13.43 -5.41
CA ASP A 394 -8.32 -13.93 -4.20
C ASP A 394 -7.29 -14.33 -3.16
N HIS A 395 -6.28 -15.06 -3.58
CA HIS A 395 -5.32 -15.61 -2.65
C HIS A 395 -4.34 -14.56 -2.12
N ASN A 396 -4.02 -13.52 -2.89
CA ASN A 396 -2.96 -12.62 -2.46
C ASN A 396 -3.46 -11.30 -1.89
N VAL A 397 -4.74 -10.95 -2.10
CA VAL A 397 -5.22 -9.62 -1.74
C VAL A 397 -6.61 -9.70 -1.14
N ILE A 398 -7.57 -10.22 -1.90
CA ILE A 398 -8.98 -10.09 -1.50
C ILE A 398 -9.28 -10.92 -0.25
N CYS A 399 -8.86 -12.18 -0.25
CA CYS A 399 -9.24 -13.04 0.86
C CYS A 399 -8.40 -12.79 2.11
N PRO A 400 -7.11 -12.42 2.00
CA PRO A 400 -6.43 -11.87 3.19
C PRO A 400 -7.15 -10.67 3.78
N LEU A 401 -7.56 -9.72 2.94
CA LEU A 401 -8.27 -8.54 3.44
C LEU A 401 -9.59 -8.92 4.10
N MET A 402 -10.34 -9.82 3.50
CA MET A 402 -11.59 -10.26 4.07
C MET A 402 -11.35 -10.91 5.42
N HIS A 403 -10.31 -11.69 5.54
CA HIS A 403 -9.95 -12.26 6.83
C HIS A 403 -9.66 -11.16 7.84
N PHE A 404 -8.91 -10.13 7.41
CA PHE A 404 -8.61 -9.02 8.30
C PHE A 404 -9.88 -8.27 8.68
N VAL A 405 -10.79 -8.08 7.73
CA VAL A 405 -12.04 -7.37 7.99
C VAL A 405 -12.86 -8.09 9.05
N ASN A 406 -12.91 -9.43 8.95
CA ASN A 406 -13.77 -10.20 9.85
C ASN A 406 -13.22 -10.21 11.26
N LYS A 407 -11.92 -10.50 11.41
CA LYS A 407 -11.29 -10.49 12.72
C LYS A 407 -11.36 -9.10 13.35
N TYR A 408 -11.08 -8.05 12.58
CA TYR A 408 -11.05 -6.70 13.14
C TYR A 408 -12.44 -6.28 13.62
N THR A 409 -13.49 -6.59 12.85
CA THR A 409 -14.83 -6.11 13.17
C THR A 409 -15.33 -6.63 14.51
N LYS A 410 -14.86 -7.80 14.94
CA LYS A 410 -15.25 -8.35 16.23
C LYS A 410 -14.88 -7.42 17.39
N PHE A 411 -13.85 -6.60 17.24
CA PHE A 411 -13.35 -5.77 18.33
C PHE A 411 -13.40 -4.27 18.06
N GLY A 412 -13.41 -3.85 16.81
CA GLY A 412 -13.28 -2.44 16.50
C GLY A 412 -14.57 -1.70 16.71
N ASN A 413 -14.50 -0.40 16.42
CA ASN A 413 -15.56 0.55 16.67
C ASN A 413 -16.25 1.04 15.39
N GLY A 414 -16.18 0.24 14.30
CA GLY A 414 -16.87 0.56 13.07
C GLY A 414 -16.07 0.21 11.82
N THR A 415 -16.62 -0.68 10.99
CA THR A 415 -15.98 -1.08 9.74
C THR A 415 -16.85 -0.66 8.56
N TYR A 416 -16.20 -0.09 7.53
CA TYR A 416 -16.86 0.23 6.26
C TYR A 416 -16.09 -0.42 5.11
N LEU A 417 -16.78 -1.26 4.34
CA LEU A 417 -16.17 -2.08 3.29
C LEU A 417 -16.69 -1.68 1.92
N TYR A 418 -15.78 -1.62 0.94
CA TYR A 418 -16.15 -1.21 -0.41
C TYR A 418 -15.58 -2.19 -1.43
N PHE A 419 -16.24 -2.27 -2.59
CA PHE A 419 -15.79 -3.09 -3.72
C PHE A 419 -15.74 -2.17 -4.93
N PHE A 420 -14.53 -1.79 -5.34
CA PHE A 420 -14.37 -0.81 -6.43
C PHE A 420 -14.27 -1.57 -7.76
N ASN A 421 -15.27 -1.40 -8.63
CA ASN A 421 -15.34 -2.17 -9.87
C ASN A 421 -15.71 -1.28 -11.05
N HIS A 422 -15.06 -0.13 -11.17
CA HIS A 422 -15.21 0.69 -12.36
C HIS A 422 -13.86 0.84 -13.04
N ARG A 423 -13.77 0.39 -14.29
CA ARG A 423 -12.55 0.57 -15.07
C ARG A 423 -12.51 1.98 -15.67
N ALA A 424 -11.45 2.72 -15.38
CA ALA A 424 -11.30 4.07 -15.90
C ALA A 424 -11.40 4.08 -17.43
N SER A 425 -12.11 5.08 -17.95
CA SER A 425 -12.32 5.19 -19.38
C SER A 425 -11.01 5.38 -20.14
N ASN A 426 -10.03 6.03 -19.52
CA ASN A 426 -8.76 6.37 -20.17
C ASN A 426 -7.63 5.42 -19.79
N LEU A 427 -7.94 4.22 -19.33
CA LEU A 427 -6.90 3.30 -18.89
C LEU A 427 -6.12 2.78 -20.10
N VAL A 428 -4.79 2.91 -20.05
CA VAL A 428 -3.93 2.50 -21.15
C VAL A 428 -3.53 1.02 -21.09
N TRP A 429 -3.66 0.39 -19.91
CA TRP A 429 -3.39 -1.04 -19.81
C TRP A 429 -4.48 -1.83 -20.54
N PRO A 430 -4.15 -3.02 -21.04
CA PRO A 430 -5.12 -3.78 -21.85
C PRO A 430 -6.42 -4.05 -21.11
N GLU A 431 -7.43 -4.41 -21.91
CA GLU A 431 -8.78 -4.65 -21.43
C GLU A 431 -8.86 -5.92 -20.57
N TRP A 432 -8.08 -6.96 -20.90
CA TRP A 432 -8.22 -8.20 -20.14
C TRP A 432 -7.83 -8.03 -18.67
N MET A 433 -7.05 -7.01 -18.34
CA MET A 433 -6.61 -6.80 -16.97
C MET A 433 -7.73 -6.26 -16.08
N GLY A 434 -8.76 -5.66 -16.67
CA GLY A 434 -9.98 -5.36 -15.95
C GLY A 434 -9.88 -4.13 -15.08
N VAL A 435 -10.49 -4.19 -13.89
CA VAL A 435 -10.49 -3.08 -12.92
C VAL A 435 -9.21 -3.27 -12.11
N ILE A 436 -8.14 -2.66 -12.58
CA ILE A 436 -6.81 -3.10 -12.16
C ILE A 436 -6.51 -2.56 -10.77
N HIS A 437 -5.84 -3.40 -9.99
CA HIS A 437 -5.21 -2.96 -8.77
C HIS A 437 -4.45 -1.66 -9.00
N GLY A 438 -4.65 -0.69 -8.09
CA GLY A 438 -3.98 0.58 -8.16
C GLY A 438 -4.70 1.67 -8.91
N TYR A 439 -5.75 1.34 -9.68
CA TYR A 439 -6.38 2.33 -10.54
C TYR A 439 -7.65 2.91 -9.94
N GLU A 440 -7.85 2.73 -8.63
CA GLU A 440 -8.77 3.56 -7.86
C GLU A 440 -8.07 4.77 -7.25
N ILE A 441 -6.74 4.73 -7.14
CA ILE A 441 -6.01 5.81 -6.48
C ILE A 441 -6.30 7.14 -7.15
N GLU A 442 -6.30 7.17 -8.48
CA GLU A 442 -6.55 8.43 -9.18
C GLU A 442 -7.91 9.02 -8.82
N PHE A 443 -8.91 8.16 -8.57
CA PHE A 443 -10.19 8.67 -8.11
C PHE A 443 -10.11 9.21 -6.68
N VAL A 444 -9.35 8.56 -5.81
CA VAL A 444 -9.25 9.01 -4.42
C VAL A 444 -8.56 10.37 -4.34
N PHE A 445 -7.67 10.69 -5.28
CA PHE A 445 -6.97 11.97 -5.24
C PHE A 445 -7.60 13.03 -6.14
N GLY A 446 -8.75 12.75 -6.70
CA GLY A 446 -9.43 13.65 -7.60
C GLY A 446 -8.83 14.04 -8.94
N LEU A 447 -8.11 13.13 -9.55
CA LEU A 447 -7.51 13.41 -10.83
C LEU A 447 -8.56 13.65 -11.90
N PRO A 448 -9.71 12.89 -11.79
CA PRO A 448 -10.73 13.16 -12.80
C PRO A 448 -11.25 14.57 -12.82
N LEU A 449 -11.06 15.34 -11.79
CA LEU A 449 -11.53 16.71 -11.77
C LEU A 449 -10.80 17.61 -12.71
N VAL A 450 -9.69 17.14 -13.22
CA VAL A 450 -8.86 17.89 -14.14
C VAL A 450 -9.26 17.50 -15.54
N LYS A 451 -9.75 18.45 -16.31
CA LYS A 451 -10.27 18.18 -17.64
C LYS A 451 -9.32 17.57 -18.63
N GLU A 452 -8.11 18.07 -18.67
CA GLU A 452 -7.11 17.58 -19.59
C GLU A 452 -6.87 16.10 -19.45
N LEU A 453 -7.15 15.55 -18.29
CA LEU A 453 -6.90 14.15 -18.05
C LEU A 453 -7.81 13.19 -18.81
N ASN A 454 -8.85 13.72 -19.41
CA ASN A 454 -9.69 12.94 -20.31
C ASN A 454 -10.55 11.91 -19.57
N TYR A 455 -11.02 12.22 -18.37
CA TYR A 455 -12.02 11.38 -17.71
C TYR A 455 -13.41 11.83 -18.13
N THR A 456 -14.36 10.91 -18.06
CA THR A 456 -15.74 11.28 -18.34
C THR A 456 -16.32 12.08 -17.17
N ALA A 457 -17.46 12.71 -17.42
CA ALA A 457 -18.11 13.51 -16.39
C ALA A 457 -18.65 12.63 -15.26
N GLU A 458 -19.12 11.42 -15.59
CA GLU A 458 -19.53 10.50 -14.55
C GLU A 458 -18.34 10.03 -13.72
N GLU A 459 -17.15 10.00 -14.33
CA GLU A 459 -15.95 9.71 -13.55
C GLU A 459 -15.55 10.88 -12.66
N GLU A 460 -15.90 12.10 -13.06
CA GLU A 460 -15.70 13.22 -12.15
C GLU A 460 -16.65 13.13 -10.97
N ALA A 461 -17.88 12.68 -11.19
CA ALA A 461 -18.82 12.54 -10.10
C ALA A 461 -18.37 11.49 -9.10
N LEU A 462 -17.88 10.37 -9.59
CA LEU A 462 -17.42 9.29 -8.75
C LEU A 462 -16.26 9.67 -7.90
N SER A 463 -15.34 10.40 -8.47
CA SER A 463 -14.21 10.86 -7.76
C SER A 463 -14.67 11.80 -6.68
N ARG A 464 -15.64 12.63 -6.98
CA ARG A 464 -16.15 13.56 -6.00
C ARG A 464 -16.78 12.81 -4.86
N ARG A 465 -17.55 11.79 -5.15
CA ARG A 465 -18.14 10.93 -4.14
C ARG A 465 -17.06 10.30 -3.28
N ILE A 466 -16.05 9.69 -3.91
CA ILE A 466 -15.07 8.92 -3.16
C ILE A 466 -14.25 9.82 -2.26
N MET A 467 -13.79 10.96 -2.80
CA MET A 467 -13.10 11.93 -1.97
C MET A 467 -13.95 12.34 -0.78
N HIS A 468 -15.26 12.49 -0.99
CA HIS A 468 -16.10 12.92 0.11
C HIS A 468 -16.32 11.79 1.12
N TYR A 469 -16.59 10.58 0.65
CA TYR A 469 -16.59 9.42 1.55
C TYR A 469 -15.32 9.40 2.39
N TRP A 470 -14.16 9.45 1.73
CA TRP A 470 -12.88 9.30 2.42
C TRP A 470 -12.70 10.38 3.48
N ALA A 471 -12.91 11.63 3.10
CA ALA A 471 -12.61 12.76 3.97
C ALA A 471 -13.64 12.90 5.09
N THR A 472 -14.90 12.60 4.79
CA THR A 472 -15.93 12.55 5.83
C THR A 472 -15.64 11.45 6.83
N PHE A 473 -15.21 10.27 6.35
CA PHE A 473 -14.78 9.24 7.27
C PHE A 473 -13.61 9.70 8.12
N ALA A 474 -12.65 10.39 7.49
CA ALA A 474 -11.50 10.87 8.25
C ALA A 474 -11.92 11.87 9.32
N LYS A 475 -12.90 12.73 9.02
CA LYS A 475 -13.27 13.78 9.97
C LYS A 475 -14.09 13.21 11.13
N THR A 476 -14.99 12.27 10.86
CA THR A 476 -16.01 11.86 11.81
C THR A 476 -16.00 10.39 12.15
N GLY A 477 -15.36 9.54 11.34
CA GLY A 477 -15.41 8.09 11.51
C GLY A 477 -16.60 7.42 10.85
N ASN A 478 -17.34 8.14 10.02
CA ASN A 478 -18.45 7.63 9.24
C ASN A 478 -18.40 8.27 7.85
N PRO A 479 -18.34 7.47 6.77
CA PRO A 479 -18.28 8.08 5.41
C PRO A 479 -19.54 8.84 5.01
N ASN A 480 -20.66 8.62 5.69
CA ASN A 480 -21.93 9.25 5.35
C ASN A 480 -22.09 10.60 6.05
N GLU A 481 -22.73 11.55 5.35
CA GLU A 481 -23.03 12.86 5.91
C GLU A 481 -24.15 12.75 6.96
N PRO A 482 -24.10 13.58 8.00
CA PRO A 482 -25.21 13.62 8.96
C PRO A 482 -26.52 13.96 8.27
N HIS A 483 -27.47 13.02 8.35
CA HIS A 483 -28.83 13.15 7.79
C HIS A 483 -28.86 13.91 6.46
N SER A 484 -28.02 13.48 5.54
CA SER A 484 -28.14 13.93 4.15
C SER A 484 -29.14 13.00 3.45
N GLN A 485 -29.21 13.07 2.12
CA GLN A 485 -30.29 12.43 1.38
C GLN A 485 -29.86 11.38 0.37
N GLU A 486 -28.56 11.16 0.18
CA GLU A 486 -28.10 10.15 -0.78
C GLU A 486 -28.15 8.75 -0.16
N SER A 487 -27.81 7.76 -0.97
CA SER A 487 -27.72 6.39 -0.46
C SER A 487 -26.64 6.31 0.61
N LYS A 488 -26.99 5.72 1.75
CA LYS A 488 -26.06 5.58 2.85
C LYS A 488 -25.23 4.30 2.68
N TRP A 489 -23.94 4.41 2.98
CA TRP A 489 -23.01 3.28 3.02
C TRP A 489 -23.15 2.58 4.37
N PRO A 490 -23.74 1.39 4.41
CA PRO A 490 -24.02 0.76 5.70
C PRO A 490 -22.76 0.23 6.38
N LEU A 491 -22.82 0.23 7.72
CA LEU A 491 -21.78 -0.40 8.52
C LEU A 491 -21.62 -1.88 8.17
N PHE A 492 -20.38 -2.34 8.15
CA PHE A 492 -20.10 -3.77 8.00
C PHE A 492 -20.19 -4.44 9.37
N THR A 493 -21.13 -5.36 9.53
CA THR A 493 -21.34 -6.06 10.78
C THR A 493 -20.97 -7.52 10.62
N THR A 494 -20.74 -8.18 11.76
CA THR A 494 -20.38 -9.60 11.73
C THR A 494 -21.51 -10.46 11.19
N LYS A 495 -22.76 -10.09 11.49
CA LYS A 495 -23.85 -10.97 11.10
C LYS A 495 -24.36 -10.70 9.68
N GLU A 496 -24.34 -9.44 9.23
CA GLU A 496 -24.88 -9.09 7.91
C GLU A 496 -23.81 -8.85 6.85
N GLN A 497 -22.66 -8.29 7.22
CA GLN A 497 -21.48 -8.20 6.35
C GLN A 497 -21.75 -7.40 5.08
N LYS A 498 -22.49 -6.29 5.22
CA LYS A 498 -22.79 -5.47 4.06
C LYS A 498 -21.56 -4.71 3.58
N PHE A 499 -21.50 -4.50 2.26
CA PHE A 499 -20.53 -3.62 1.63
C PHE A 499 -21.21 -2.90 0.47
N ILE A 500 -20.53 -1.90 -0.11
CA ILE A 500 -21.06 -1.22 -1.27
C ILE A 500 -20.15 -1.43 -2.48
N ASP A 501 -20.75 -1.31 -3.66
CA ASP A 501 -20.02 -1.11 -4.91
C ASP A 501 -19.66 0.36 -5.07
N LEU A 502 -18.45 0.62 -5.54
CA LEU A 502 -18.05 1.95 -5.97
C LEU A 502 -17.86 1.91 -7.47
N ASN A 503 -18.70 2.64 -8.19
CA ASN A 503 -18.60 2.73 -9.64
C ASN A 503 -19.44 3.93 -10.08
N THR A 504 -19.62 4.07 -11.39
CA THR A 504 -20.37 5.20 -11.94
C THR A 504 -21.87 4.99 -11.91
N GLU A 505 -22.33 3.76 -11.67
N GLU A 505 -22.33 3.77 -11.65
CA GLU A 505 -23.74 3.49 -11.49
CA GLU A 505 -23.75 3.51 -11.51
C GLU A 505 -24.20 4.00 -10.13
C GLU A 505 -24.21 3.89 -10.11
N PRO A 506 -25.52 4.11 -9.91
CA PRO A 506 -26.01 4.41 -8.55
C PRO A 506 -25.60 3.32 -7.57
N MET A 507 -25.35 3.72 -6.33
CA MET A 507 -24.80 2.79 -5.38
C MET A 507 -25.83 1.76 -4.96
N LYS A 508 -25.44 0.49 -4.97
CA LYS A 508 -26.22 -0.59 -4.38
C LYS A 508 -25.39 -1.28 -3.31
N VAL A 509 -26.08 -1.93 -2.39
CA VAL A 509 -25.47 -2.62 -1.26
C VAL A 509 -25.55 -4.11 -1.52
N HIS A 510 -24.49 -4.82 -1.17
CA HIS A 510 -24.42 -6.27 -1.27
C HIS A 510 -23.96 -6.82 0.07
N GLN A 511 -23.88 -8.14 0.16
CA GLN A 511 -23.40 -8.79 1.37
C GLN A 511 -22.39 -9.86 1.01
N ARG A 512 -21.46 -10.09 1.92
CA ARG A 512 -20.60 -11.27 1.92
C ARG A 512 -19.71 -11.32 0.67
N LEU A 513 -18.79 -10.35 0.63
CA LEU A 513 -17.86 -10.18 -0.48
C LEU A 513 -17.07 -11.47 -0.73
N ARG A 514 -17.34 -12.11 -1.86
CA ARG A 514 -16.63 -13.32 -2.32
C ARG A 514 -16.45 -14.34 -1.21
N VAL A 515 -17.56 -14.60 -0.49
CA VAL A 515 -17.49 -15.44 0.70
C VAL A 515 -17.23 -16.90 0.34
N GLN A 516 -17.77 -17.38 -0.75
CA GLN A 516 -17.48 -18.75 -1.09
C GLN A 516 -16.02 -18.97 -1.33
N MET A 517 -15.40 -18.11 -2.10
CA MET A 517 -14.00 -18.22 -2.36
C MET A 517 -13.12 -17.97 -1.16
N CYS A 518 -13.49 -17.00 -0.37
CA CYS A 518 -12.75 -16.69 0.83
C CYS A 518 -12.86 -17.80 1.87
N VAL A 519 -14.04 -18.43 2.00
CA VAL A 519 -14.15 -19.65 2.81
C VAL A 519 -13.22 -20.73 2.29
N PHE A 520 -13.05 -20.83 0.97
CA PHE A 520 -12.12 -21.82 0.42
C PHE A 520 -10.69 -21.51 0.82
N TRP A 521 -10.24 -20.26 0.59
CA TRP A 521 -8.85 -19.89 0.87
C TRP A 521 -8.59 -19.75 2.36
N ASN A 522 -9.52 -19.16 3.11
CA ASN A 522 -9.24 -18.85 4.52
C ASN A 522 -9.48 -20.04 5.44
N GLN A 523 -10.54 -20.82 5.22
CA GLN A 523 -10.80 -21.99 6.06
C GLN A 523 -10.41 -23.31 5.41
N PHE A 524 -10.92 -23.61 4.22
CA PHE A 524 -10.86 -24.99 3.74
C PHE A 524 -9.46 -25.42 3.33
N LEU A 525 -8.83 -24.69 2.41
CA LEU A 525 -7.53 -25.13 1.91
C LEU A 525 -6.47 -25.24 3.02
N PRO A 526 -6.41 -24.35 4.01
CA PRO A 526 -5.52 -24.60 5.17
C PRO A 526 -5.76 -25.94 5.86
N LYS A 527 -7.01 -26.25 6.20
CA LYS A 527 -7.29 -27.53 6.85
C LYS A 527 -6.82 -28.70 5.99
N LEU A 528 -6.93 -28.58 4.67
CA LEU A 528 -6.58 -29.68 3.78
C LEU A 528 -5.06 -29.87 3.73
N LEU A 529 -4.30 -28.78 3.79
CA LEU A 529 -2.85 -28.91 3.75
C LEU A 529 -2.28 -29.38 5.09
N ASN A 530 -2.89 -28.96 6.21
CA ASN A 530 -2.48 -29.42 7.54
C ASN A 530 -2.81 -30.89 7.80
N ALA A 531 -3.48 -31.57 6.86
CA ALA A 531 -3.95 -32.93 7.08
C ALA A 531 -3.32 -33.95 6.16
N THR A 532 -2.59 -33.54 5.13
CA THR A 532 -1.99 -34.50 4.18
C THR A 532 -0.57 -34.87 4.60
C1 NAG B . 14.04 26.76 -3.69
C2 NAG B . 14.31 28.23 -4.10
C3 NAG B . 13.92 28.44 -5.57
C4 NAG B . 14.67 27.45 -6.46
C5 NAG B . 14.35 26.02 -6.01
C6 NAG B . 15.08 24.96 -6.82
C7 NAG B . 14.18 29.93 -2.32
C8 NAG B . 13.28 30.85 -1.55
N2 NAG B . 13.60 29.17 -3.25
O3 NAG B . 14.21 29.77 -5.96
O4 NAG B . 14.32 27.63 -7.83
O5 NAG B . 14.72 25.84 -4.64
O6 NAG B . 16.45 24.84 -6.49
O7 NAG B . 15.40 29.89 -2.11
C1 NAG C . -18.14 2.82 19.19
C2 NAG C . -19.45 2.02 19.15
C3 NAG C . -20.55 2.78 19.87
C4 NAG C . -20.14 3.06 21.30
C5 NAG C . -18.84 3.86 21.30
C6 NAG C . -18.28 4.08 22.68
C7 NAG C . -19.57 0.53 17.20
C8 NAG C . -20.05 0.37 15.79
N2 NAG C . -19.84 1.71 17.79
O3 NAG C . -21.75 2.00 19.84
O4 NAG C . -21.16 3.76 22.00
O5 NAG C . -17.82 3.16 20.55
O6 NAG C . -17.14 4.91 22.65
O7 NAG C . -18.95 -0.37 17.78
C1 NAG D . -6.35 13.39 -24.11
C2 NAG D . -4.86 13.03 -23.99
C3 NAG D . -4.06 13.64 -25.14
C4 NAG D . -4.65 13.21 -26.48
C5 NAG D . -6.12 13.63 -26.54
C6 NAG D . -6.82 13.21 -27.80
C7 NAG D . -3.88 12.60 -21.78
C8 NAG D . -3.36 13.21 -20.51
N2 NAG D . -4.31 13.45 -22.71
O3 NAG D . -2.69 13.23 -25.07
O4 NAG D . -3.95 13.80 -27.57
O5 NAG D . -6.83 13.04 -25.44
O6 NAG D . -7.86 14.11 -28.14
O7 NAG D . -3.92 11.37 -21.94
C02 DQ5 E . 13.44 -8.99 -12.06
C03 DQ5 E . 13.84 -8.43 -13.45
C04 DQ5 E . 12.59 -7.92 -14.21
C05 DQ5 E . 12.06 -8.97 -15.23
C06 DQ5 E . 11.41 -10.19 -14.53
C07 DQ5 E . 12.02 -11.43 -14.64
C08 DQ5 E . 11.46 -12.54 -14.05
C09 DQ5 E . 10.30 -12.40 -13.34
C11 DQ5 E . 9.71 -11.17 -13.22
C12 DQ5 E . 8.44 -11.20 -12.38
C16 DQ5 E . 11.18 -9.01 -10.71
C17 DQ5 E . 11.24 -10.39 -10.20
C18 DQ5 E . 12.41 -11.33 -10.44
C19 DQ5 E . 12.43 -12.58 -9.58
C20 DQ5 E . 11.08 -13.20 -9.35
C21 DQ5 E . 10.05 -12.22 -8.84
C22 DQ5 E . 10.16 -10.84 -9.45
C24 DQ5 E . 8.97 -8.74 -9.65
C25 DQ5 E . 7.83 -7.98 -9.36
C26 DQ5 E . 7.74 -6.67 -9.82
C27 DQ5 E . 8.77 -6.13 -10.56
C28 DQ5 E . 9.90 -6.91 -10.85
C29 DQ5 E . 10.01 -8.22 -10.39
N01 DQ5 E . 12.22 -8.36 -11.52
N13 DQ5 E . 7.54 -10.25 -12.41
N15 DQ5 E . 10.25 -10.06 -13.81
N23 DQ5 E . 9.04 -10.04 -9.17
O10 DQ5 E . 9.65 -13.46 -12.67
O14 DQ5 E . 6.53 -10.37 -11.50
C2 1PG F . 1.37 0.66 -5.95
O1 1PG F . 1.31 -0.75 -5.82
O2 1PG F . 0.35 -0.18 -8.04
C3 1PG F . 0.45 0.98 -7.18
C4 1PG F . 1.36 -0.24 -8.99
C5 1PG F . 0.65 -0.74 -10.28
O3 1PG F . 1.69 -1.02 -11.27
C6 1PG F . 2.76 -1.82 -10.81
C7 1PG F . 3.33 -2.64 -12.02
O4 1PG F . 4.09 -3.70 -11.46
C8 1PG F . 3.34 -4.89 -11.32
C9 1PG F . 4.22 -5.96 -10.63
O5 1PG F . 3.31 -6.80 -9.86
C10 1PG F . 3.05 -6.28 -8.53
C11 1PG F . 1.85 -7.12 -7.89
O6 1PG F . 0.63 -6.46 -8.23
CL CL G . -12.22 -15.44 7.75
CL CL H . 1.68 -22.83 -1.56
CL CL I . -4.87 -4.25 23.27
CL CL J . -5.18 22.12 -11.58
CL CL K . 7.87 26.17 17.94
C1 EDO L . -21.51 -4.03 14.71
O1 EDO L . -20.72 -2.92 14.29
C2 EDO L . -20.63 -5.14 15.28
O2 EDO L . -20.44 -6.19 14.31
C1 EDO M . 4.83 -14.02 -22.15
O1 EDO M . 4.52 -15.23 -21.44
C2 EDO M . 5.39 -12.97 -21.20
O2 EDO M . 4.85 -11.69 -21.55
C1 EDO N . 19.22 25.66 5.30
O1 EDO N . 18.09 26.55 5.40
C2 EDO N . 19.30 24.84 6.59
O2 EDO N . 20.08 23.67 6.36
#